data_8VDC
#
_entry.id   8VDC
#
loop_
_entity.id
_entity.type
_entity.pdbx_description
1 polymer 'Portal protein'
2 polymer Connector
#
loop_
_entity_poly.entity_id
_entity_poly.type
_entity_poly.pdbx_seq_one_letter_code
_entity_poly.pdbx_strand_id
1 'polypeptide(L)'
;MLKVNEFETDTDLRGNINYLFNDEANVVYTYDGTESDLLQNVNEVSKYIEHHMDYQRPRLKVLSDYYEGKTKNLVELTRR
KEEYMADNRVAHDYASYISDFINGYFLGNPIQYQDDDKDVLEAIEAFNDLNDVESHNRSLGLDLSIYGKAYELMIRNQDD
ETRLYKSDAMSTFIIYDNTVERNSIAGVRYLRTKPIDKTDEDEVFTVDLFTSHGVYRYLTNRTNGLKLTPRENSFESHSF
ERMPITEFSNNERRKGDYEKVITLIDLYDNAESDTANYMSDLNDAMLLIKGNLNLDPVEVRKQKEANVLFLEPTVYVDAE
GRETEGSVDGGYIYKQYDVQGTEAYKDRLNSDIHMFTNTPNMKDDNFSGTQSGEAMKYKLFGLEQRTKTKEGLFTKGLRR
RAKLLETILKNTRSIDANKDFNTVRYVYNRNLPKSLIEELKAYIDSGGKISQTTLMSLFSFFQDPELEVKKIEEDEKESI
KKAQKGIYKDPRDINDDEQDDDTKDTVDKKE
;
A
2 'polypeptide(L)'
;MTTLADVKKRIGLKDEKQDEQLEEIIKSCESQLLSMLPIEVEQIPERFSYMIKEVAVKRYNRIGAEGMTSEAVDGRSNAY
ELNDFKEYEAIIDNYFNARTRTKKGRAVFF
;
B
#
# COMPACT_ATOMS: atom_id res chain seq x y z
N ASN A 16 2.57 17.36 1.33
CA ASN A 16 3.38 16.15 1.64
C ASN A 16 4.46 16.44 2.66
N ILE A 17 5.53 17.10 2.24
CA ILE A 17 6.72 17.24 3.08
C ILE A 17 6.33 17.68 4.48
N ASN A 18 5.57 18.76 4.59
CA ASN A 18 5.24 19.31 5.89
C ASN A 18 4.48 18.35 6.78
N TYR A 19 3.96 17.24 6.24
CA TYR A 19 3.32 16.23 7.06
C TYR A 19 4.19 15.01 7.33
N LEU A 20 4.93 14.52 6.34
CA LEU A 20 5.65 13.27 6.54
C LEU A 20 6.87 13.46 7.41
N PHE A 21 7.60 14.57 7.24
CA PHE A 21 8.89 14.73 7.89
C PHE A 21 8.85 15.73 9.03
N ASN A 22 7.67 16.10 9.49
CA ASN A 22 7.53 17.02 10.61
C ASN A 22 8.04 16.37 11.90
N ASP A 23 8.39 17.22 12.87
CA ASP A 23 8.96 16.75 14.12
C ASP A 23 7.91 16.22 15.09
N GLU A 24 6.68 16.69 15.01
CA GLU A 24 5.66 16.28 15.96
C GLU A 24 4.95 15.01 15.57
N ALA A 25 4.88 14.69 14.29
CA ALA A 25 4.35 13.39 13.88
C ALA A 25 5.30 12.28 14.30
N ASN A 26 4.74 11.08 14.42
CA ASN A 26 5.50 9.85 14.59
C ASN A 26 6.25 9.76 15.92
N VAL A 27 6.03 10.67 16.86
CA VAL A 27 6.64 10.51 18.19
C VAL A 27 5.89 9.45 18.98
N VAL A 28 6.55 8.97 20.04
CA VAL A 28 5.98 8.02 20.99
C VAL A 28 5.49 8.78 22.22
N TYR A 29 4.21 8.61 22.56
CA TYR A 29 3.65 9.28 23.71
C TYR A 29 4.13 8.61 24.99
N THR A 30 4.49 9.43 25.98
CA THR A 30 4.79 8.92 27.31
C THR A 30 4.07 9.75 28.36
N TYR A 31 3.89 9.15 29.54
CA TYR A 31 3.30 9.82 30.68
C TYR A 31 4.11 9.50 31.93
N ASP A 32 4.27 10.49 32.81
CA ASP A 32 5.14 10.33 33.97
C ASP A 32 4.49 9.61 35.14
N GLY A 33 3.16 9.62 35.25
CA GLY A 33 2.49 9.03 36.38
C GLY A 33 2.15 7.55 36.20
N THR A 34 1.59 6.97 37.25
CA THR A 34 0.98 5.65 37.16
C THR A 34 -0.32 5.72 36.38
N GLU A 35 -0.89 4.54 36.13
CA GLU A 35 -2.23 4.48 35.57
C GLU A 35 -3.22 5.28 36.42
N SER A 36 -3.13 5.16 37.74
CA SER A 36 -4.03 5.92 38.61
C SER A 36 -3.83 7.42 38.47
N ASP A 37 -2.58 7.87 38.38
CA ASP A 37 -2.33 9.31 38.24
C ASP A 37 -2.89 9.85 36.94
N LEU A 38 -3.02 9.01 35.91
CA LEU A 38 -3.68 9.44 34.68
C LEU A 38 -5.20 9.39 34.82
N LEU A 39 -5.72 8.25 35.26
CA LEU A 39 -7.14 7.98 35.13
C LEU A 39 -7.98 8.91 36.01
N GLN A 40 -7.44 9.34 37.14
CA GLN A 40 -8.15 10.32 37.96
C GLN A 40 -8.23 11.67 37.28
N ASN A 41 -7.34 11.94 36.32
CA ASN A 41 -7.19 13.25 35.73
C ASN A 41 -7.45 13.16 34.24
N VAL A 42 -8.62 12.64 33.90
CA VAL A 42 -8.94 12.23 32.52
C VAL A 42 -8.67 13.35 31.52
N ASN A 43 -8.70 14.59 31.98
CA ASN A 43 -8.43 15.69 31.07
C ASN A 43 -7.10 15.55 30.35
N GLU A 44 -6.11 14.95 31.00
CA GLU A 44 -4.82 14.77 30.33
C GLU A 44 -4.95 13.97 29.06
N VAL A 45 -5.75 12.91 29.08
CA VAL A 45 -5.91 12.13 27.86
C VAL A 45 -6.42 12.99 26.72
N SER A 46 -7.20 14.02 27.01
CA SER A 46 -7.68 14.87 25.94
C SER A 46 -6.53 15.59 25.26
N LYS A 47 -5.54 16.03 26.03
CA LYS A 47 -4.40 16.70 25.42
C LYS A 47 -3.67 15.76 24.48
N TYR A 48 -3.57 14.48 24.84
CA TYR A 48 -3.00 13.54 23.88
C TYR A 48 -3.88 13.41 22.66
N ILE A 49 -5.19 13.23 22.86
CA ILE A 49 -6.07 13.05 21.72
C ILE A 49 -5.99 14.25 20.79
N GLU A 50 -5.99 15.45 21.36
CA GLU A 50 -5.89 16.63 20.52
C GLU A 50 -4.59 16.63 19.74
N HIS A 51 -3.49 16.30 20.41
CA HIS A 51 -2.22 16.27 19.70
C HIS A 51 -2.29 15.27 18.56
N HIS A 52 -2.89 14.11 18.82
CA HIS A 52 -2.96 13.11 17.78
C HIS A 52 -3.74 13.63 16.59
N MET A 53 -4.85 14.33 16.84
CA MET A 53 -5.61 14.88 15.73
C MET A 53 -4.79 15.86 14.91
N ASP A 54 -3.99 16.69 15.57
CA ASP A 54 -3.37 17.82 14.88
C ASP A 54 -2.04 17.51 14.22
N TYR A 55 -1.38 16.41 14.57
CA TYR A 55 -0.07 16.13 13.96
C TYR A 55 0.04 14.73 13.38
N GLN A 56 -0.20 13.70 14.18
CA GLN A 56 0.04 12.34 13.71
C GLN A 56 -1.00 11.92 12.67
N ARG A 57 -2.26 12.30 12.87
CA ARG A 57 -3.27 11.88 11.92
C ARG A 57 -2.98 12.40 10.52
N PRO A 58 -2.69 13.69 10.30
CA PRO A 58 -2.34 14.12 8.94
C PRO A 58 -1.32 13.25 8.23
N ARG A 59 -0.23 12.89 8.90
CA ARG A 59 0.73 11.95 8.31
C ARG A 59 0.03 10.67 7.91
N LEU A 60 -0.74 10.08 8.82
CA LEU A 60 -1.34 8.79 8.50
C LEU A 60 -2.34 8.92 7.35
N LYS A 61 -3.13 9.99 7.35
CA LYS A 61 -4.07 10.24 6.27
C LYS A 61 -3.37 10.33 4.92
N VAL A 62 -2.25 11.05 4.86
CA VAL A 62 -1.54 11.18 3.59
C VAL A 62 -0.98 9.84 3.13
N LEU A 63 -0.37 9.07 4.04
CA LEU A 63 0.13 7.76 3.63
C LEU A 63 -0.99 6.87 3.12
N SER A 64 -2.13 6.88 3.81
CA SER A 64 -3.28 6.13 3.33
C SER A 64 -3.71 6.61 1.95
N ASP A 65 -3.79 7.92 1.75
CA ASP A 65 -4.18 8.46 0.45
C ASP A 65 -3.26 7.98 -0.65
N TYR A 66 -1.97 7.81 -0.35
CA TYR A 66 -1.10 7.26 -1.38
C TYR A 66 -1.35 5.78 -1.62
N TYR A 67 -1.67 5.02 -0.57
CA TYR A 67 -1.99 3.61 -0.83
C TYR A 67 -3.26 3.47 -1.66
N GLU A 68 -4.23 4.37 -1.47
CA GLU A 68 -5.41 4.39 -2.31
C GLU A 68 -5.19 5.05 -3.67
N GLY A 69 -3.98 5.48 -3.98
CA GLY A 69 -3.70 6.10 -5.26
C GLY A 69 -4.18 7.52 -5.43
N LYS A 70 -4.68 8.16 -4.38
CA LYS A 70 -5.08 9.57 -4.42
C LYS A 70 -3.87 10.48 -4.25
N THR A 71 -2.89 10.30 -5.13
CA THR A 71 -1.67 11.07 -5.01
C THR A 71 -1.93 12.57 -5.17
N LYS A 72 -0.96 13.36 -4.73
CA LYS A 72 -1.07 14.82 -4.75
C LYS A 72 -1.49 15.34 -6.12
N ASN A 73 -1.01 14.70 -7.19
CA ASN A 73 -1.26 15.23 -8.52
C ASN A 73 -2.74 15.22 -8.89
N LEU A 74 -3.52 14.26 -8.38
CA LEU A 74 -4.94 14.26 -8.67
C LEU A 74 -5.68 15.36 -7.92
N VAL A 75 -5.30 15.63 -6.69
CA VAL A 75 -6.09 16.52 -5.85
C VAL A 75 -5.60 17.97 -5.88
N GLU A 76 -4.33 18.20 -6.18
CA GLU A 76 -3.80 19.56 -6.22
C GLU A 76 -4.20 20.27 -7.51
N LEU A 77 -5.52 20.41 -7.69
CA LEU A 77 -6.08 21.10 -8.84
C LEU A 77 -5.79 22.60 -8.85
N THR A 78 -5.25 23.14 -7.76
CA THR A 78 -5.22 24.59 -7.58
C THR A 78 -4.53 25.31 -8.73
N ARG A 79 -3.49 24.71 -9.30
CA ARG A 79 -2.71 25.35 -10.36
C ARG A 79 -2.94 24.72 -11.74
N ARG A 80 -3.97 23.90 -11.90
CA ARG A 80 -4.24 23.25 -13.18
C ARG A 80 -5.02 24.16 -14.12
N LYS A 81 -5.11 23.71 -15.38
CA LYS A 81 -5.69 24.44 -16.49
C LYS A 81 -6.70 23.53 -17.19
N GLU A 82 -7.83 24.10 -17.60
CA GLU A 82 -8.83 23.34 -18.34
C GLU A 82 -9.74 24.23 -19.18
N GLU A 83 -9.22 25.37 -19.65
CA GLU A 83 -10.08 26.28 -20.40
C GLU A 83 -10.41 25.75 -21.78
N TYR A 84 -9.53 24.95 -22.38
CA TYR A 84 -9.86 24.27 -23.62
C TYR A 84 -9.12 22.94 -23.74
N MET A 85 -7.96 22.82 -23.11
CA MET A 85 -7.24 21.56 -23.04
C MET A 85 -7.99 20.56 -22.14
N ALA A 86 -7.59 19.29 -22.25
CA ALA A 86 -7.91 18.30 -21.24
C ALA A 86 -6.99 18.45 -20.03
N ASP A 87 -7.45 17.92 -18.89
CA ASP A 87 -6.71 18.04 -17.64
C ASP A 87 -5.50 17.12 -17.58
N ASN A 88 -5.64 15.86 -17.98
CA ASN A 88 -4.51 14.92 -18.08
C ASN A 88 -3.66 14.89 -16.81
N ARG A 89 -4.27 15.10 -15.65
CA ARG A 89 -3.66 14.70 -14.39
C ARG A 89 -3.57 13.18 -14.27
N VAL A 90 -2.56 12.71 -13.52
CA VAL A 90 -2.14 11.31 -13.53
C VAL A 90 -1.71 10.87 -12.14
N ALA A 91 -1.96 9.58 -11.83
CA ALA A 91 -1.42 8.93 -10.63
C ALA A 91 -0.94 7.53 -10.98
N HIS A 92 0.23 7.14 -10.47
CA HIS A 92 0.87 5.89 -10.89
C HIS A 92 0.76 4.71 -9.93
N ASP A 93 0.29 4.89 -8.70
CA ASP A 93 0.06 3.75 -7.79
C ASP A 93 1.32 2.97 -7.45
N TYR A 94 2.50 3.59 -7.47
CA TYR A 94 3.67 2.87 -6.96
C TYR A 94 3.48 2.40 -5.53
N ALA A 95 2.75 3.17 -4.72
CA ALA A 95 2.63 2.86 -3.30
C ALA A 95 2.00 1.50 -3.06
N SER A 96 0.90 1.22 -3.75
CA SER A 96 0.26 -0.08 -3.60
C SER A 96 1.14 -1.21 -4.10
N TYR A 97 1.73 -1.05 -5.29
CA TYR A 97 2.61 -2.08 -5.81
C TYR A 97 3.71 -2.43 -4.82
N ILE A 98 4.34 -1.42 -4.23
CA ILE A 98 5.39 -1.66 -3.25
C ILE A 98 4.83 -2.40 -2.05
N SER A 99 3.76 -1.88 -1.47
CA SER A 99 3.32 -2.42 -0.19
C SER A 99 2.83 -3.84 -0.34
N ASP A 100 2.06 -4.11 -1.40
CA ASP A 100 1.57 -5.47 -1.59
C ASP A 100 2.70 -6.45 -1.85
N PHE A 101 3.71 -6.06 -2.63
CA PHE A 101 4.81 -6.98 -2.87
C PHE A 101 5.57 -7.28 -1.57
N ILE A 102 5.91 -6.25 -0.82
CA ILE A 102 6.71 -6.47 0.38
C ILE A 102 5.93 -7.26 1.42
N ASN A 103 4.64 -6.96 1.56
CA ASN A 103 3.86 -7.68 2.56
C ASN A 103 3.69 -9.13 2.15
N GLY A 104 3.35 -9.38 0.89
CA GLY A 104 3.16 -10.76 0.49
C GLY A 104 4.42 -11.57 0.69
N TYR A 105 5.58 -10.97 0.43
CA TYR A 105 6.82 -11.68 0.68
C TYR A 105 6.98 -12.00 2.16
N PHE A 106 6.52 -11.11 3.05
CA PHE A 106 6.75 -11.35 4.47
C PHE A 106 5.74 -12.33 5.08
N LEU A 107 4.45 -12.15 4.81
CA LEU A 107 3.40 -12.91 5.48
C LEU A 107 2.47 -13.65 4.54
N GLY A 108 2.82 -13.79 3.27
CA GLY A 108 2.02 -14.60 2.38
C GLY A 108 2.01 -16.07 2.76
N ASN A 109 2.98 -16.51 3.56
CA ASN A 109 3.07 -17.89 3.98
C ASN A 109 2.82 -17.98 5.48
N PRO A 110 1.81 -18.71 5.95
CA PRO A 110 1.41 -18.60 7.36
C PRO A 110 2.55 -18.90 8.33
N ILE A 111 2.56 -18.17 9.44
CA ILE A 111 3.46 -18.46 10.55
C ILE A 111 3.09 -19.80 11.17
N GLN A 112 4.09 -20.66 11.36
CA GLN A 112 3.89 -21.92 12.06
C GLN A 112 4.27 -21.80 13.52
N TYR A 113 3.76 -22.72 14.32
CA TYR A 113 3.97 -22.74 15.76
C TYR A 113 4.59 -24.07 16.20
N GLN A 114 5.55 -24.01 17.11
CA GLN A 114 5.97 -25.17 17.86
C GLN A 114 5.85 -24.87 19.35
N ASP A 115 5.56 -25.90 20.13
CA ASP A 115 5.81 -25.83 21.56
C ASP A 115 6.14 -27.24 22.05
N ASP A 116 6.80 -27.31 23.21
CA ASP A 116 7.13 -28.61 23.77
C ASP A 116 5.97 -29.26 24.49
N ASP A 117 4.98 -28.48 24.94
CA ASP A 117 3.81 -29.00 25.62
C ASP A 117 2.62 -28.92 24.68
N LYS A 118 2.01 -30.06 24.40
CA LYS A 118 0.91 -30.10 23.45
C LYS A 118 -0.38 -29.48 23.97
N ASP A 119 -0.57 -29.37 25.29
CA ASP A 119 -1.79 -28.71 25.77
C ASP A 119 -1.79 -27.23 25.42
N VAL A 120 -0.64 -26.57 25.63
CA VAL A 120 -0.55 -25.16 25.26
C VAL A 120 -0.64 -25.02 23.75
N LEU A 121 0.04 -25.89 23.01
CA LEU A 121 0.02 -25.81 21.56
C LEU A 121 -1.40 -25.93 21.02
N GLU A 122 -2.19 -26.87 21.53
CA GLU A 122 -3.55 -26.98 21.03
C GLU A 122 -4.47 -25.88 21.54
N ALA A 123 -4.20 -25.27 22.70
CA ALA A 123 -5.00 -24.12 23.10
C ALA A 123 -4.70 -22.92 22.22
N ILE A 124 -3.44 -22.74 21.86
CA ILE A 124 -3.08 -21.73 20.88
C ILE A 124 -3.79 -22.00 19.57
N GLU A 125 -3.59 -23.21 19.01
CA GLU A 125 -4.11 -23.48 17.68
C GLU A 125 -5.63 -23.36 17.64
N ALA A 126 -6.32 -23.70 18.73
CA ALA A 126 -7.75 -23.44 18.79
C ALA A 126 -8.02 -21.95 18.68
N PHE A 127 -7.31 -21.13 19.46
CA PHE A 127 -7.56 -19.70 19.41
C PHE A 127 -7.26 -19.13 18.04
N ASN A 128 -6.18 -19.59 17.42
CA ASN A 128 -5.81 -19.12 16.09
C ASN A 128 -6.87 -19.49 15.06
N ASP A 129 -7.38 -20.71 15.12
CA ASP A 129 -8.37 -21.10 14.13
C ASP A 129 -9.67 -20.33 14.32
N LEU A 130 -10.11 -20.16 15.56
CA LEU A 130 -11.33 -19.38 15.81
C LEU A 130 -11.23 -17.97 15.23
N ASN A 131 -10.08 -17.31 15.40
CA ASN A 131 -9.92 -15.93 14.97
C ASN A 131 -9.40 -15.78 13.54
N ASP A 132 -9.33 -16.86 12.78
CA ASP A 132 -8.86 -16.78 11.39
C ASP A 132 -7.52 -16.09 11.30
N VAL A 133 -6.61 -16.40 12.23
CA VAL A 133 -5.45 -15.55 12.47
C VAL A 133 -4.57 -15.39 11.25
N GLU A 134 -4.59 -16.32 10.30
CA GLU A 134 -3.80 -16.12 9.09
C GLU A 134 -4.14 -14.81 8.40
N SER A 135 -5.43 -14.58 8.14
CA SER A 135 -5.84 -13.35 7.50
C SER A 135 -5.53 -12.15 8.37
N HIS A 136 -5.74 -12.28 9.68
CA HIS A 136 -5.48 -11.17 10.57
C HIS A 136 -4.02 -10.74 10.50
N ASN A 137 -3.12 -11.71 10.61
CA ASN A 137 -1.70 -11.41 10.50
C ASN A 137 -1.38 -10.73 9.19
N ARG A 138 -1.90 -11.24 8.08
CA ARG A 138 -1.62 -10.56 6.82
C ARG A 138 -2.11 -9.12 6.83
N SER A 139 -3.30 -8.86 7.35
CA SER A 139 -3.80 -7.48 7.36
C SER A 139 -2.96 -6.58 8.25
N LEU A 140 -2.46 -7.10 9.36
CA LEU A 140 -1.55 -6.31 10.17
C LEU A 140 -0.27 -6.02 9.42
N GLY A 141 0.31 -7.02 8.77
CA GLY A 141 1.52 -6.76 8.02
C GLY A 141 1.31 -5.71 6.96
N LEU A 142 0.13 -5.68 6.34
CA LEU A 142 -0.17 -4.63 5.38
C LEU A 142 -0.21 -3.25 6.04
N ASP A 143 -0.86 -3.15 7.19
CA ASP A 143 -0.85 -1.88 7.90
C ASP A 143 0.57 -1.47 8.27
N LEU A 144 1.39 -2.42 8.68
CA LEU A 144 2.80 -2.10 8.93
C LEU A 144 3.46 -1.54 7.70
N SER A 145 3.13 -2.10 6.53
CA SER A 145 3.79 -1.66 5.31
C SER A 145 3.38 -0.25 4.91
N ILE A 146 2.09 0.09 5.01
CA ILE A 146 1.69 1.43 4.57
C ILE A 146 1.91 2.47 5.67
N TYR A 147 1.40 2.25 6.88
CA TYR A 147 1.50 3.27 7.91
C TYR A 147 2.79 3.19 8.71
N GLY A 148 3.40 2.02 8.79
CA GLY A 148 4.56 1.82 9.63
C GLY A 148 4.27 1.34 11.03
N LYS A 149 3.02 1.37 11.46
CA LYS A 149 2.62 0.84 12.76
C LYS A 149 1.24 0.23 12.64
N ALA A 150 0.92 -0.71 13.54
CA ALA A 150 -0.37 -1.36 13.50
C ALA A 150 -0.79 -1.77 14.90
N TYR A 151 -2.10 -1.88 15.12
CA TYR A 151 -2.65 -2.12 16.45
C TYR A 151 -3.69 -3.24 16.40
N GLU A 152 -3.72 -4.07 17.44
CA GLU A 152 -4.78 -5.05 17.58
C GLU A 152 -5.39 -5.00 18.97
N LEU A 153 -6.70 -5.17 19.03
CA LEU A 153 -7.48 -5.16 20.25
C LEU A 153 -8.05 -6.55 20.51
N MET A 154 -7.94 -7.02 21.75
CA MET A 154 -8.43 -8.33 22.15
C MET A 154 -9.56 -8.18 23.16
N ILE A 155 -10.70 -8.83 22.92
CA ILE A 155 -11.88 -8.69 23.77
C ILE A 155 -12.53 -10.05 23.99
N ARG A 156 -13.00 -10.28 25.23
CA ARG A 156 -13.84 -11.42 25.52
C ARG A 156 -15.28 -11.11 25.11
N ASN A 157 -15.76 -11.82 24.09
CA ASN A 157 -16.98 -11.44 23.39
C ASN A 157 -18.20 -11.68 24.28
N GLN A 158 -19.34 -11.12 23.84
CA GLN A 158 -20.58 -11.27 24.59
C GLN A 158 -21.04 -12.72 24.60
N ASP A 159 -20.84 -13.42 23.51
CA ASP A 159 -21.09 -14.87 23.48
C ASP A 159 -20.03 -15.66 24.22
N ASP A 160 -19.19 -14.97 24.97
CA ASP A 160 -18.19 -15.62 25.83
C ASP A 160 -17.16 -16.37 24.99
N GLU A 161 -16.47 -15.62 24.15
CA GLU A 161 -15.36 -16.13 23.36
C GLU A 161 -14.29 -15.05 23.26
N THR A 162 -13.04 -15.48 23.19
CA THR A 162 -11.91 -14.57 23.09
C THR A 162 -11.68 -14.20 21.63
N ARG A 163 -11.96 -12.95 21.27
CA ARG A 163 -11.90 -12.48 19.89
C ARG A 163 -10.80 -11.44 19.74
N LEU A 164 -10.21 -11.42 18.55
CA LEU A 164 -9.07 -10.55 18.21
C LEU A 164 -9.43 -9.74 16.97
N TYR A 165 -9.38 -8.41 17.08
CA TYR A 165 -9.78 -7.52 16.00
C TYR A 165 -8.74 -6.44 15.78
N LYS A 166 -8.47 -6.12 14.53
CA LYS A 166 -7.51 -5.07 14.21
C LYS A 166 -8.11 -3.68 14.48
N SER A 167 -7.27 -2.76 14.95
CA SER A 167 -7.68 -1.40 15.24
C SER A 167 -6.92 -0.44 14.33
N ASP A 168 -7.66 0.40 13.60
CA ASP A 168 -7.06 1.22 12.57
C ASP A 168 -6.11 2.27 13.15
N ALA A 169 -5.04 2.54 12.42
CA ALA A 169 -4.00 3.43 12.92
C ALA A 169 -4.48 4.88 13.07
N MET A 170 -5.36 5.33 12.18
CA MET A 170 -5.82 6.71 12.24
C MET A 170 -6.67 7.01 13.47
N SER A 171 -7.08 6.01 14.24
CA SER A 171 -8.02 6.22 15.32
C SER A 171 -7.56 5.59 16.63
N THR A 172 -6.33 5.08 16.68
CA THR A 172 -5.83 4.37 17.84
C THR A 172 -4.45 4.89 18.20
N PHE A 173 -4.17 4.99 19.49
CA PHE A 173 -2.78 5.13 19.90
C PHE A 173 -2.64 4.71 21.35
N ILE A 174 -1.40 4.56 21.80
CA ILE A 174 -1.08 4.07 23.12
C ILE A 174 -0.24 5.10 23.85
N ILE A 175 -0.47 5.23 25.15
CA ILE A 175 0.29 6.10 26.04
C ILE A 175 1.19 5.22 26.89
N TYR A 176 2.50 5.40 26.78
CA TYR A 176 3.45 4.52 27.45
C TYR A 176 3.96 5.09 28.77
N ASP A 177 4.32 4.16 29.67
CA ASP A 177 5.15 4.45 30.83
C ASP A 177 6.46 5.13 30.42
N ASN A 178 6.84 6.16 31.18
CA ASN A 178 8.01 6.96 30.85
C ASN A 178 9.34 6.31 31.20
N THR A 179 9.36 5.22 31.96
CA THR A 179 10.64 4.59 32.28
C THR A 179 11.21 3.86 31.07
N VAL A 180 12.50 3.54 31.15
CA VAL A 180 13.20 2.92 30.04
C VAL A 180 12.54 1.61 29.63
N GLU A 181 11.74 1.01 30.51
CA GLU A 181 11.01 -0.20 30.14
C GLU A 181 9.84 0.10 29.22
N ARG A 182 9.28 1.30 29.28
CA ARG A 182 8.07 1.67 28.54
C ARG A 182 7.01 0.58 28.56
N ASN A 183 6.47 0.29 29.72
CA ASN A 183 5.18 -0.38 29.80
C ASN A 183 4.10 0.50 29.20
N SER A 184 3.11 -0.11 28.57
CA SER A 184 1.96 0.62 28.05
C SER A 184 0.97 0.89 29.17
N ILE A 185 0.77 2.17 29.50
CA ILE A 185 -0.14 2.54 30.57
C ILE A 185 -1.59 2.45 30.10
N ALA A 186 -1.92 3.09 28.98
CA ALA A 186 -3.29 3.14 28.51
C ALA A 186 -3.32 3.21 26.99
N GLY A 187 -4.39 2.66 26.42
CA GLY A 187 -4.68 2.82 25.00
C GLY A 187 -5.94 3.65 24.81
N VAL A 188 -6.04 4.34 23.67
CA VAL A 188 -7.28 5.01 23.32
C VAL A 188 -7.70 4.69 21.90
N ARG A 189 -9.01 4.67 21.69
CA ARG A 189 -9.63 4.61 20.36
C ARG A 189 -10.66 5.72 20.30
N TYR A 190 -10.77 6.39 19.15
CA TYR A 190 -11.85 7.36 19.02
C TYR A 190 -12.34 7.44 17.59
N LEU A 191 -13.65 7.63 17.43
CA LEU A 191 -14.26 7.60 16.11
C LEU A 191 -15.31 8.68 15.97
N ARG A 192 -15.33 9.32 14.80
CA ARG A 192 -16.39 10.26 14.43
C ARG A 192 -17.67 9.51 14.11
N THR A 193 -18.76 9.87 14.79
CA THR A 193 -20.07 9.29 14.54
C THR A 193 -20.90 10.25 13.68
N LYS A 194 -21.35 9.76 12.52
CA LYS A 194 -22.14 10.57 11.59
C LYS A 194 -23.19 9.73 10.89
N PRO A 195 -24.32 10.33 10.53
CA PRO A 195 -25.21 9.71 9.55
C PRO A 195 -24.62 9.82 8.16
N ILE A 196 -25.23 9.10 7.21
CA ILE A 196 -24.75 9.16 5.83
C ILE A 196 -25.06 10.48 5.13
N ASP A 197 -26.08 11.23 5.56
CA ASP A 197 -26.50 12.40 4.81
C ASP A 197 -25.90 13.74 5.28
N LYS A 198 -25.21 13.78 6.43
CA LYS A 198 -24.70 15.05 6.97
C LYS A 198 -23.27 14.91 7.48
N THR A 199 -22.47 15.95 7.25
CA THR A 199 -21.27 16.23 8.07
C THR A 199 -21.65 17.33 9.07
N ASP A 200 -22.05 16.90 10.27
CA ASP A 200 -22.55 17.78 11.31
C ASP A 200 -21.55 18.85 11.74
N GLU A 201 -22.10 19.97 12.22
CA GLU A 201 -21.31 21.13 12.63
C GLU A 201 -20.47 20.86 13.86
N ASP A 202 -21.04 20.19 14.87
CA ASP A 202 -20.24 19.58 15.94
C ASP A 202 -19.65 18.26 15.46
N GLU A 203 -18.34 18.24 15.25
CA GLU A 203 -17.61 17.00 15.01
C GLU A 203 -17.50 16.22 16.33
N VAL A 204 -18.40 15.23 16.50
CA VAL A 204 -18.53 14.47 17.74
C VAL A 204 -17.77 13.14 17.62
N PHE A 205 -16.89 12.87 18.59
CA PHE A 205 -16.14 11.63 18.67
C PHE A 205 -16.55 10.81 19.88
N THR A 206 -16.93 9.55 19.64
CA THR A 206 -16.96 8.54 20.69
C THR A 206 -15.53 8.13 21.06
N VAL A 207 -15.21 8.13 22.36
CA VAL A 207 -13.87 7.86 22.85
C VAL A 207 -13.89 6.65 23.78
N ASP A 208 -13.03 5.67 23.53
CA ASP A 208 -12.79 4.55 24.42
C ASP A 208 -11.39 4.65 25.00
N LEU A 209 -11.28 4.61 26.33
CA LEU A 209 -10.00 4.64 27.02
C LEU A 209 -9.79 3.31 27.72
N PHE A 210 -8.72 2.62 27.35
CA PHE A 210 -8.45 1.27 27.82
C PHE A 210 -7.35 1.32 28.86
N THR A 211 -7.64 0.81 30.05
CA THR A 211 -6.70 0.69 31.15
C THR A 211 -6.34 -0.78 31.30
N SER A 212 -5.45 -1.05 32.26
CA SER A 212 -5.12 -2.44 32.57
C SER A 212 -6.25 -3.18 33.29
N HIS A 213 -7.30 -2.49 33.74
CA HIS A 213 -8.38 -3.14 34.47
C HIS A 213 -9.78 -2.94 33.87
N GLY A 214 -9.94 -2.10 32.86
CA GLY A 214 -11.27 -1.95 32.27
C GLY A 214 -11.27 -0.91 31.17
N VAL A 215 -12.42 -0.81 30.50
CA VAL A 215 -12.66 0.14 29.44
C VAL A 215 -13.57 1.23 29.97
N TYR A 216 -13.19 2.48 29.75
CA TYR A 216 -14.03 3.64 30.03
C TYR A 216 -14.50 4.23 28.71
N ARG A 217 -15.79 4.57 28.63
CA ARG A 217 -16.34 5.17 27.42
C ARG A 217 -16.74 6.61 27.69
N TYR A 218 -16.41 7.50 26.75
CA TYR A 218 -16.68 8.93 26.86
C TYR A 218 -17.22 9.44 25.53
N LEU A 219 -17.74 10.67 25.57
CA LEU A 219 -18.08 11.43 24.37
C LEU A 219 -17.33 12.76 24.38
N THR A 220 -17.09 13.29 23.17
CA THR A 220 -16.39 14.56 23.02
C THR A 220 -16.80 15.20 21.70
N ASN A 221 -16.51 16.49 21.56
CA ASN A 221 -16.42 17.09 20.23
C ASN A 221 -15.28 18.10 20.20
N ARG A 222 -14.78 18.38 19.00
CA ARG A 222 -13.70 19.35 18.85
C ARG A 222 -14.16 20.77 19.19
N THR A 223 -15.44 21.07 18.95
CA THR A 223 -15.96 22.43 19.16
C THR A 223 -15.93 22.88 20.60
N ASN A 224 -16.19 21.99 21.55
CA ASN A 224 -16.06 22.33 22.97
C ASN A 224 -14.64 22.13 23.52
N GLY A 225 -13.68 21.80 22.67
CA GLY A 225 -12.33 21.56 23.11
C GLY A 225 -12.05 20.16 23.60
N LEU A 226 -12.80 19.17 23.12
CA LEU A 226 -12.58 17.78 23.50
C LEU A 226 -12.70 17.56 25.00
N LYS A 227 -13.62 18.26 25.65
CA LYS A 227 -13.89 18.02 27.05
C LYS A 227 -14.58 16.66 27.20
N LEU A 228 -13.91 15.72 27.86
CA LEU A 228 -14.47 14.38 28.06
C LEU A 228 -15.63 14.44 29.04
N THR A 229 -16.80 13.96 28.61
CA THR A 229 -17.90 13.63 29.50
C THR A 229 -18.18 12.14 29.44
N PRO A 230 -18.23 11.43 30.57
CA PRO A 230 -18.53 10.00 30.54
C PRO A 230 -19.82 9.69 29.79
N ARG A 231 -19.78 8.63 28.99
CA ARG A 231 -20.98 8.13 28.34
C ARG A 231 -21.89 7.44 29.35
N GLU A 232 -23.18 7.39 29.01
CA GLU A 232 -24.15 6.59 29.74
C GLU A 232 -23.70 5.14 29.86
N ASN A 233 -23.63 4.65 31.10
CA ASN A 233 -23.02 3.34 31.40
C ASN A 233 -21.57 3.31 30.91
N SER A 234 -20.79 4.26 31.44
CA SER A 234 -19.45 4.50 30.94
C SER A 234 -18.55 3.27 31.05
N PHE A 235 -18.47 2.67 32.22
CA PHE A 235 -17.43 1.68 32.51
C PHE A 235 -17.84 0.27 32.13
N GLU A 236 -16.84 -0.53 31.71
CA GLU A 236 -17.03 -1.94 31.46
C GLU A 236 -15.75 -2.69 31.81
N SER A 237 -15.82 -3.59 32.78
CA SER A 237 -14.63 -4.34 33.21
C SER A 237 -14.18 -5.35 32.15
N HIS A 238 -12.86 -5.59 32.10
CA HIS A 238 -12.29 -6.69 31.32
C HIS A 238 -11.37 -7.51 32.20
N SER A 239 -11.32 -8.82 31.94
CA SER A 239 -10.73 -9.77 32.86
C SER A 239 -9.25 -10.03 32.63
N PHE A 240 -8.60 -9.30 31.74
CA PHE A 240 -7.15 -9.37 31.65
C PHE A 240 -6.54 -8.65 32.86
N GLU A 241 -5.22 -8.69 32.95
CA GLU A 241 -4.51 -7.92 33.98
C GLU A 241 -3.48 -6.99 33.38
N ARG A 242 -3.63 -6.66 32.09
CA ARG A 242 -2.78 -5.68 31.44
C ARG A 242 -3.56 -5.09 30.27
N MET A 243 -3.14 -3.92 29.82
CA MET A 243 -3.93 -3.18 28.85
C MET A 243 -4.10 -4.01 27.57
N PRO A 244 -5.32 -4.17 27.06
CA PRO A 244 -5.53 -5.20 26.02
C PRO A 244 -4.90 -4.90 24.68
N ILE A 245 -4.71 -3.64 24.32
CA ILE A 245 -4.27 -3.32 22.95
C ILE A 245 -2.79 -3.61 22.80
N THR A 246 -2.42 -4.14 21.65
CA THR A 246 -1.02 -4.40 21.31
C THR A 246 -0.63 -3.58 20.09
N GLU A 247 0.61 -3.10 20.08
CA GLU A 247 1.17 -2.34 18.97
C GLU A 247 2.31 -3.09 18.30
N PHE A 248 2.33 -3.05 16.98
CA PHE A 248 3.38 -3.62 16.15
C PHE A 248 4.04 -2.51 15.36
N SER A 249 5.35 -2.64 15.12
CA SER A 249 6.15 -1.59 14.53
C SER A 249 6.90 -2.13 13.32
N ASN A 250 6.89 -1.35 12.24
CA ASN A 250 7.55 -1.79 11.01
C ASN A 250 9.06 -1.79 11.15
N ASN A 251 9.60 -0.86 11.92
CA ASN A 251 11.02 -0.86 12.25
C ASN A 251 11.22 0.02 13.48
N GLU A 252 12.47 0.14 13.90
CA GLU A 252 12.79 0.95 15.07
C GLU A 252 12.08 2.31 15.02
N ARG A 253 12.08 2.95 13.85
CA ARG A 253 11.51 4.28 13.70
C ARG A 253 10.01 4.26 13.43
N ARG A 254 9.41 3.09 13.31
CA ARG A 254 8.00 2.97 12.92
C ARG A 254 7.68 3.74 11.65
N LYS A 255 8.62 3.79 10.71
CA LYS A 255 8.36 4.43 9.42
C LYS A 255 7.88 3.42 8.39
N GLY A 256 7.01 3.87 7.51
CA GLY A 256 6.42 3.04 6.50
C GLY A 256 7.43 2.62 5.44
N ASP A 257 6.95 1.86 4.47
CA ASP A 257 7.83 1.31 3.45
C ASP A 257 8.05 2.26 2.29
N TYR A 258 7.01 2.92 1.81
CA TYR A 258 7.16 3.92 0.75
C TYR A 258 7.23 5.34 1.28
N GLU A 259 7.18 5.52 2.59
CA GLU A 259 7.18 6.87 3.15
C GLU A 259 8.37 7.69 2.68
N LYS A 260 9.51 7.06 2.44
CA LYS A 260 10.72 7.78 2.04
C LYS A 260 10.87 8.00 0.54
N VAL A 261 9.95 7.51 -0.29
CA VAL A 261 10.04 7.72 -1.73
C VAL A 261 8.81 8.40 -2.30
N ILE A 262 7.91 8.88 -1.45
CA ILE A 262 6.73 9.59 -1.95
C ILE A 262 7.12 10.76 -2.85
N THR A 263 8.22 11.45 -2.55
CA THR A 263 8.62 12.57 -3.39
C THR A 263 9.03 12.15 -4.78
N LEU A 264 9.58 10.95 -4.94
CA LEU A 264 9.89 10.48 -6.28
C LEU A 264 8.63 10.05 -7.01
N ILE A 265 7.66 9.50 -6.29
CA ILE A 265 6.38 9.17 -6.91
C ILE A 265 5.70 10.43 -7.42
N ASP A 266 5.76 11.51 -6.63
CA ASP A 266 5.28 12.80 -7.09
C ASP A 266 6.00 13.25 -8.36
N LEU A 267 7.33 13.17 -8.37
CA LEU A 267 8.07 13.65 -9.54
C LEU A 267 7.74 12.85 -10.79
N TYR A 268 7.52 11.54 -10.64
CA TYR A 268 7.17 10.75 -11.82
C TYR A 268 5.75 11.06 -12.29
N ASP A 269 4.84 11.33 -11.36
CA ASP A 269 3.52 11.80 -11.76
C ASP A 269 3.63 13.09 -12.56
N ASN A 270 4.41 14.04 -12.05
CA ASN A 270 4.50 15.34 -12.70
C ASN A 270 5.10 15.21 -14.09
N ALA A 271 6.15 14.40 -14.22
CA ALA A 271 6.79 14.24 -15.52
C ALA A 271 5.83 13.65 -16.53
N GLU A 272 5.09 12.60 -16.15
CA GLU A 272 4.23 11.95 -17.13
C GLU A 272 3.04 12.82 -17.48
N SER A 273 2.46 13.55 -16.53
CA SER A 273 1.41 14.48 -16.93
C SER A 273 1.94 15.64 -17.76
N ASP A 274 3.21 15.98 -17.63
CA ASP A 274 3.81 16.95 -18.54
C ASP A 274 3.83 16.43 -19.96
N THR A 275 4.33 15.21 -20.15
CA THR A 275 4.31 14.63 -21.49
C THR A 275 2.88 14.48 -22.02
N ALA A 276 1.91 14.19 -21.14
CA ALA A 276 0.54 14.09 -21.62
C ALA A 276 -0.04 15.44 -22.01
N ASN A 277 0.46 16.53 -21.42
CA ASN A 277 0.06 17.84 -21.93
C ASN A 277 0.67 18.07 -23.30
N TYR A 278 1.99 17.88 -23.41
CA TYR A 278 2.63 18.03 -24.70
C TYR A 278 1.90 17.26 -25.80
N MET A 279 1.44 16.04 -25.51
CA MET A 279 0.68 15.30 -26.51
C MET A 279 -0.66 15.96 -26.82
N SER A 280 -1.45 16.24 -25.78
CA SER A 280 -2.76 16.84 -26.04
C SER A 280 -2.67 18.12 -26.87
N ASP A 281 -1.85 19.07 -26.42
CA ASP A 281 -2.05 20.46 -26.82
C ASP A 281 -1.38 20.89 -28.13
N LEU A 282 -0.30 20.26 -28.57
CA LEU A 282 0.35 20.63 -29.83
C LEU A 282 -0.05 19.74 -30.99
N ASN A 283 -0.20 20.37 -32.15
CA ASN A 283 -0.49 19.66 -33.39
C ASN A 283 0.70 18.83 -33.86
N ASP A 284 0.45 17.58 -34.23
CA ASP A 284 1.53 16.70 -34.70
C ASP A 284 2.28 17.32 -35.87
N ALA A 285 1.56 17.69 -36.93
CA ALA A 285 2.20 18.25 -38.11
C ALA A 285 1.22 19.15 -38.84
N MET A 286 1.78 20.08 -39.61
CA MET A 286 0.97 20.96 -40.43
C MET A 286 1.68 21.26 -41.73
N LEU A 287 0.89 21.52 -42.77
CA LEU A 287 1.41 21.96 -44.05
C LEU A 287 1.58 23.47 -43.99
N LEU A 288 2.82 23.94 -43.88
CA LEU A 288 3.14 25.36 -43.88
C LEU A 288 3.19 25.89 -45.30
N ILE A 289 2.43 26.96 -45.58
CA ILE A 289 2.52 27.68 -46.85
C ILE A 289 2.78 29.14 -46.54
N LYS A 290 3.87 29.68 -47.09
CA LYS A 290 4.26 31.08 -46.96
C LYS A 290 3.94 31.87 -48.21
N GLY A 291 4.12 33.18 -48.09
CA GLY A 291 4.14 34.08 -49.21
C GLY A 291 2.77 34.57 -49.64
N ASN A 292 2.79 35.69 -50.34
CA ASN A 292 1.57 36.36 -50.79
C ASN A 292 0.87 35.48 -51.82
N LEU A 293 -0.33 35.01 -51.48
CA LEU A 293 -1.03 34.03 -52.30
C LEU A 293 -2.52 34.11 -51.98
N ASN A 294 -3.33 33.50 -52.84
CA ASN A 294 -4.76 33.34 -52.59
C ASN A 294 -5.06 31.88 -52.33
N LEU A 295 -5.60 31.58 -51.15
CA LEU A 295 -6.09 30.25 -50.81
C LEU A 295 -7.59 30.33 -50.57
N ASP A 296 -8.35 29.52 -51.31
CA ASP A 296 -9.78 29.42 -51.09
C ASP A 296 -10.04 28.37 -50.02
N PRO A 297 -10.67 28.71 -48.90
CA PRO A 297 -10.90 27.69 -47.85
C PRO A 297 -11.82 26.57 -48.28
N VAL A 298 -12.50 26.71 -49.41
CA VAL A 298 -13.22 25.59 -50.00
C VAL A 298 -12.24 24.64 -50.69
N GLU A 299 -11.23 25.20 -51.36
CA GLU A 299 -10.27 24.39 -52.07
C GLU A 299 -9.30 23.67 -51.14
N VAL A 300 -8.98 24.28 -50.00
CA VAL A 300 -8.09 23.68 -49.01
C VAL A 300 -8.58 22.29 -48.57
N ARG A 301 -9.87 22.02 -48.68
CA ARG A 301 -10.37 20.72 -48.26
C ARG A 301 -9.86 19.58 -49.16
N LYS A 302 -9.38 19.89 -50.36
CA LYS A 302 -8.76 18.87 -51.20
C LYS A 302 -7.36 18.52 -50.73
N GLN A 303 -6.83 19.23 -49.73
CA GLN A 303 -5.46 19.01 -49.29
C GLN A 303 -5.16 17.53 -49.02
N LYS A 304 -6.11 16.80 -48.46
CA LYS A 304 -5.87 15.37 -48.21
C LYS A 304 -5.66 14.56 -49.48
N GLU A 305 -6.26 14.96 -50.60
CA GLU A 305 -6.44 14.06 -51.71
C GLU A 305 -5.86 14.59 -53.01
N ALA A 306 -5.23 15.76 -52.97
CA ALA A 306 -4.53 16.28 -54.14
C ALA A 306 -3.16 15.64 -54.30
N ASN A 307 -2.72 15.54 -55.54
CA ASN A 307 -1.38 15.06 -55.86
C ASN A 307 -0.39 16.19 -56.11
N VAL A 308 -0.79 17.23 -56.82
CA VAL A 308 0.09 18.35 -57.16
C VAL A 308 -0.30 19.57 -56.35
N LEU A 309 0.69 20.22 -55.74
CA LEU A 309 0.51 21.51 -55.07
C LEU A 309 1.24 22.53 -55.92
N PHE A 310 0.50 23.48 -56.49
CA PHE A 310 1.06 24.49 -57.37
C PHE A 310 0.94 25.86 -56.73
N LEU A 311 2.08 26.53 -56.54
CA LEU A 311 2.16 27.87 -55.99
C LEU A 311 2.63 28.83 -57.07
N GLU A 312 1.79 29.80 -57.42
CA GLU A 312 2.15 30.79 -58.42
C GLU A 312 2.42 32.12 -57.72
N PRO A 313 3.64 32.65 -57.75
CA PRO A 313 3.94 33.84 -56.95
C PRO A 313 3.32 35.12 -57.50
N THR A 314 2.96 36.01 -56.58
CA THR A 314 2.48 37.34 -56.93
C THR A 314 3.57 38.09 -57.67
N VAL A 315 3.21 38.72 -58.78
CA VAL A 315 4.14 39.54 -59.56
C VAL A 315 3.89 41.00 -59.24
N TYR A 316 4.92 41.70 -58.81
CA TYR A 316 4.86 43.10 -58.45
C TYR A 316 5.38 43.92 -59.62
N VAL A 317 4.63 44.96 -60.00
CA VAL A 317 4.98 45.85 -61.11
C VAL A 317 5.42 47.19 -60.53
N ASP A 318 6.58 47.65 -60.96
CA ASP A 318 7.15 48.92 -60.52
C ASP A 318 6.67 50.04 -61.42
N ALA A 319 6.68 51.27 -60.88
CA ALA A 319 6.20 52.42 -61.64
C ALA A 319 7.06 52.66 -62.88
N GLU A 320 8.34 52.31 -62.84
CA GLU A 320 9.21 52.46 -64.00
C GLU A 320 9.14 51.26 -64.94
N GLY A 321 8.17 50.37 -64.74
CA GLY A 321 7.94 49.24 -65.62
C GLY A 321 8.58 47.92 -65.22
N ARG A 322 9.34 47.88 -64.13
CA ARG A 322 9.94 46.63 -63.69
C ARG A 322 8.88 45.63 -63.24
N GLU A 323 9.23 44.35 -63.30
CA GLU A 323 8.41 43.27 -62.75
C GLU A 323 9.29 42.35 -61.93
N THR A 324 8.79 41.94 -60.76
CA THR A 324 9.55 41.04 -59.89
C THR A 324 8.63 40.17 -59.04
N GLU A 325 9.09 38.96 -58.72
CA GLU A 325 8.27 37.91 -58.11
C GLU A 325 8.43 37.83 -56.60
N GLY A 326 7.31 37.71 -55.89
CA GLY A 326 7.33 37.34 -54.50
C GLY A 326 7.87 35.94 -54.26
N SER A 327 8.35 35.73 -53.03
CA SER A 327 8.86 34.43 -52.55
C SER A 327 7.76 33.57 -51.95
N VAL A 328 7.19 32.66 -52.76
CA VAL A 328 6.39 31.55 -52.21
C VAL A 328 7.30 30.49 -51.59
N ASP A 329 6.77 29.78 -50.58
CA ASP A 329 7.39 28.55 -50.11
C ASP A 329 6.34 27.64 -49.47
N GLY A 330 6.58 26.33 -49.49
CA GLY A 330 5.65 25.38 -48.89
C GLY A 330 6.22 24.04 -48.46
N GLY A 331 5.85 23.54 -47.28
CA GLY A 331 6.40 22.28 -46.78
C GLY A 331 5.88 21.93 -45.41
N TYR A 332 5.97 20.64 -45.08
CA TYR A 332 5.50 20.16 -43.78
C TYR A 332 6.43 20.53 -42.63
N ILE A 333 5.83 20.88 -41.50
CA ILE A 333 6.52 21.03 -40.23
C ILE A 333 5.86 20.12 -39.20
N TYR A 334 6.67 19.53 -38.31
CA TYR A 334 6.16 18.59 -37.32
C TYR A 334 6.78 18.82 -35.95
N LYS A 335 5.95 18.69 -34.92
CA LYS A 335 6.40 18.88 -33.54
C LYS A 335 7.36 17.80 -33.10
N GLN A 336 8.27 18.18 -32.20
CA GLN A 336 9.32 17.30 -31.70
C GLN A 336 9.62 17.65 -30.25
N TYR A 337 10.04 16.66 -29.47
CA TYR A 337 10.51 16.93 -28.11
C TYR A 337 11.73 16.07 -27.82
N ASP A 338 12.45 16.41 -26.75
CA ASP A 338 13.67 15.73 -26.36
C ASP A 338 13.35 14.37 -25.76
N VAL A 339 13.12 13.40 -26.64
CA VAL A 339 12.81 12.05 -26.17
C VAL A 339 13.96 11.49 -25.36
N GLN A 340 15.19 11.70 -25.83
CA GLN A 340 16.36 11.11 -25.16
C GLN A 340 16.43 11.54 -23.71
N GLY A 341 16.40 12.84 -23.45
CA GLY A 341 16.64 13.33 -22.10
C GLY A 341 15.47 13.10 -21.16
N THR A 342 14.25 13.17 -21.67
CA THR A 342 13.12 12.97 -20.78
C THR A 342 12.95 11.50 -20.44
N GLU A 343 13.20 10.62 -21.41
CA GLU A 343 13.11 9.20 -21.08
C GLU A 343 14.27 8.73 -20.23
N ALA A 344 15.48 9.25 -20.41
CA ALA A 344 16.54 8.92 -19.48
C ALA A 344 16.24 9.41 -18.07
N TYR A 345 15.55 10.54 -17.95
CA TYR A 345 15.15 11.02 -16.63
C TYR A 345 14.09 10.13 -16.00
N LYS A 346 13.04 9.81 -16.75
CA LYS A 346 11.98 8.99 -16.18
C LYS A 346 12.46 7.57 -15.87
N ASP A 347 13.38 7.02 -16.67
CA ASP A 347 13.98 5.75 -16.31
C ASP A 347 14.81 5.85 -15.04
N ARG A 348 15.46 6.99 -14.81
CA ARG A 348 16.16 7.12 -13.53
C ARG A 348 15.18 7.16 -12.36
N LEU A 349 14.08 7.88 -12.50
CA LEU A 349 13.11 7.90 -11.41
C LEU A 349 12.57 6.51 -11.10
N ASN A 350 12.15 5.78 -12.14
CA ASN A 350 11.65 4.43 -11.90
C ASN A 350 12.70 3.55 -11.24
N SER A 351 13.92 3.59 -11.77
CA SER A 351 14.99 2.80 -11.19
C SER A 351 15.23 3.13 -9.73
N ASP A 352 15.22 4.41 -9.36
CA ASP A 352 15.51 4.77 -7.98
C ASP A 352 14.35 4.44 -7.04
N ILE A 353 13.12 4.61 -7.50
CA ILE A 353 11.99 4.16 -6.68
C ILE A 353 12.13 2.69 -6.36
N HIS A 354 12.52 1.88 -7.34
CA HIS A 354 12.71 0.46 -7.05
C HIS A 354 13.96 0.20 -6.20
N MET A 355 15.04 0.93 -6.41
CA MET A 355 16.26 0.65 -5.65
C MET A 355 16.05 0.92 -4.17
N PHE A 356 15.48 2.08 -3.82
CA PHE A 356 15.37 2.41 -2.41
C PHE A 356 14.31 1.60 -1.67
N THR A 357 13.52 0.81 -2.38
CA THR A 357 12.52 -0.04 -1.77
C THR A 357 12.78 -1.51 -2.05
N ASN A 358 13.97 -1.86 -2.52
CA ASN A 358 14.41 -3.24 -2.63
C ASN A 358 13.43 -4.10 -3.42
N THR A 359 12.73 -3.50 -4.37
CA THR A 359 11.69 -4.16 -5.13
C THR A 359 12.20 -4.48 -6.53
N PRO A 360 11.92 -5.67 -7.08
CA PRO A 360 12.57 -6.05 -8.35
C PRO A 360 12.16 -5.15 -9.50
N ASN A 361 13.16 -4.58 -10.17
CA ASN A 361 12.98 -3.62 -11.25
C ASN A 361 12.62 -4.35 -12.54
N MET A 362 11.32 -4.61 -12.71
CA MET A 362 10.86 -5.52 -13.76
C MET A 362 11.28 -5.07 -15.15
N LYS A 363 11.47 -3.78 -15.37
CA LYS A 363 11.80 -3.31 -16.72
C LYS A 363 13.22 -3.66 -17.13
N ASP A 364 14.12 -3.89 -16.18
CA ASP A 364 15.54 -4.11 -16.47
C ASP A 364 15.96 -5.46 -15.87
N ASP A 365 15.49 -6.56 -16.46
CA ASP A 365 15.62 -7.86 -15.82
C ASP A 365 15.87 -8.96 -16.85
N ASN A 366 16.51 -10.04 -16.40
CA ASN A 366 16.77 -11.22 -17.20
C ASN A 366 16.72 -12.45 -16.29
N PHE A 367 16.32 -13.58 -16.87
CA PHE A 367 16.18 -14.82 -16.11
C PHE A 367 17.42 -15.71 -16.22
N SER A 368 17.53 -16.63 -15.27
CA SER A 368 18.65 -17.56 -15.19
C SER A 368 18.15 -18.90 -14.68
N GLY A 369 18.58 -19.98 -15.33
CA GLY A 369 18.13 -21.32 -15.02
C GLY A 369 16.64 -21.48 -15.18
N THR A 370 16.06 -22.38 -14.38
CA THR A 370 14.62 -22.48 -14.23
C THR A 370 14.19 -22.51 -12.76
N GLN A 371 15.14 -22.53 -11.83
CA GLN A 371 14.83 -22.60 -10.40
C GLN A 371 14.55 -21.18 -9.90
N SER A 372 13.30 -20.76 -10.10
CA SER A 372 12.91 -19.40 -9.82
C SER A 372 13.30 -18.98 -8.41
N GLY A 373 13.15 -19.88 -7.43
CA GLY A 373 13.50 -19.54 -6.07
C GLY A 373 14.96 -19.20 -5.88
N GLU A 374 15.84 -19.75 -6.72
CA GLU A 374 17.27 -19.49 -6.56
C GLU A 374 17.69 -18.16 -7.15
N ALA A 375 17.08 -17.74 -8.24
CA ALA A 375 17.25 -16.36 -8.68
C ALA A 375 16.63 -15.39 -7.68
N MET A 376 15.42 -15.70 -7.21
CA MET A 376 14.73 -14.80 -6.30
C MET A 376 15.50 -14.56 -5.02
N LYS A 377 16.09 -15.61 -4.43
CA LYS A 377 16.87 -15.39 -3.21
C LYS A 377 18.02 -14.43 -3.44
N TYR A 378 18.56 -14.38 -4.65
CA TYR A 378 19.60 -13.38 -4.93
C TYR A 378 19.00 -12.00 -5.15
N LYS A 379 17.95 -11.90 -5.96
CA LYS A 379 17.38 -10.61 -6.27
C LYS A 379 16.69 -9.96 -5.08
N LEU A 380 16.13 -10.74 -4.16
CA LEU A 380 15.47 -10.21 -2.98
C LEU A 380 16.35 -10.17 -1.72
N PHE A 381 17.67 -10.30 -1.88
CA PHE A 381 18.54 -10.30 -0.70
C PHE A 381 18.40 -9.01 0.11
N GLY A 382 18.32 -7.87 -0.56
CA GLY A 382 18.21 -6.62 0.16
C GLY A 382 16.91 -6.48 0.90
N LEU A 383 15.82 -6.98 0.30
CA LEU A 383 14.54 -6.98 0.99
C LEU A 383 14.56 -7.92 2.18
N GLU A 384 15.28 -9.03 2.07
CA GLU A 384 15.40 -9.94 3.19
C GLU A 384 16.08 -9.29 4.38
N GLN A 385 17.11 -8.48 4.13
CA GLN A 385 17.82 -7.89 5.25
C GLN A 385 16.92 -7.04 6.13
N ARG A 386 16.01 -6.27 5.53
CA ARG A 386 15.01 -5.54 6.32
C ARG A 386 13.97 -6.47 6.92
N THR A 387 13.46 -7.40 6.13
CA THR A 387 12.38 -8.25 6.62
C THR A 387 12.79 -9.02 7.87
N LYS A 388 14.07 -9.37 8.00
CA LYS A 388 14.48 -10.08 9.21
C LYS A 388 14.33 -9.23 10.49
N THR A 389 14.48 -7.91 10.37
CA THR A 389 14.19 -7.05 11.50
C THR A 389 12.70 -6.96 11.75
N LYS A 390 11.94 -6.76 10.67
CA LYS A 390 10.50 -6.71 10.83
C LYS A 390 10.01 -7.97 11.53
N GLU A 391 10.61 -9.11 11.19
CA GLU A 391 10.24 -10.39 11.81
C GLU A 391 10.52 -10.39 13.30
N GLY A 392 11.62 -9.74 13.70
CA GLY A 392 11.90 -9.67 15.12
C GLY A 392 10.82 -8.88 15.85
N LEU A 393 10.52 -7.69 15.36
CA LEU A 393 9.51 -6.88 16.04
C LEU A 393 8.12 -7.53 16.01
N PHE A 394 7.79 -8.26 14.93
CA PHE A 394 6.52 -8.96 14.88
C PHE A 394 6.44 -10.04 15.94
N THR A 395 7.52 -10.81 16.13
CA THR A 395 7.51 -11.79 17.20
C THR A 395 7.41 -11.11 18.57
N LYS A 396 8.08 -9.97 18.71
CA LYS A 396 7.98 -9.23 19.96
C LYS A 396 6.54 -8.86 20.29
N GLY A 397 5.72 -8.60 19.28
CA GLY A 397 4.30 -8.38 19.51
C GLY A 397 3.48 -9.63 19.77
N LEU A 398 3.75 -10.67 18.99
CA LEU A 398 3.03 -11.92 19.17
C LEU A 398 3.21 -12.49 20.57
N ARG A 399 4.37 -12.26 21.19
CA ARG A 399 4.54 -12.71 22.57
C ARG A 399 3.58 -12.02 23.54
N ARG A 400 3.26 -10.74 23.31
CA ARG A 400 2.26 -10.09 24.13
C ARG A 400 0.86 -10.62 23.85
N ARG A 401 0.55 -10.87 22.58
CA ARG A 401 -0.71 -11.53 22.28
C ARG A 401 -0.86 -12.82 23.07
N ALA A 402 0.21 -13.62 23.15
CA ALA A 402 0.16 -14.86 23.92
C ALA A 402 0.05 -14.61 25.42
N LYS A 403 0.78 -13.63 25.94
CA LYS A 403 0.67 -13.33 27.38
C LYS A 403 -0.76 -12.96 27.77
N LEU A 404 -1.43 -12.19 26.92
CA LEU A 404 -2.84 -11.91 27.14
C LEU A 404 -3.67 -13.19 27.10
N LEU A 405 -3.45 -14.01 26.07
CA LEU A 405 -4.31 -15.19 25.93
C LEU A 405 -4.15 -16.13 27.10
N GLU A 406 -2.92 -16.33 27.59
CA GLU A 406 -2.80 -17.21 28.75
C GLU A 406 -3.54 -16.64 29.93
N THR A 407 -3.54 -15.31 30.06
CA THR A 407 -4.16 -14.75 31.26
C THR A 407 -5.66 -14.95 31.22
N ILE A 408 -6.28 -14.71 30.06
CA ILE A 408 -7.72 -14.88 29.98
C ILE A 408 -8.10 -16.35 30.10
N LEU A 409 -7.30 -17.26 29.53
CA LEU A 409 -7.59 -18.68 29.73
C LEU A 409 -7.53 -19.07 31.20
N LYS A 410 -6.55 -18.55 31.93
CA LYS A 410 -6.43 -18.91 33.33
C LYS A 410 -7.56 -18.33 34.17
N ASN A 411 -7.95 -17.08 33.90
CA ASN A 411 -9.01 -16.50 34.70
C ASN A 411 -10.37 -17.13 34.43
N THR A 412 -10.58 -17.76 33.28
CA THR A 412 -11.73 -18.62 33.06
C THR A 412 -11.47 -20.06 33.46
N ARG A 413 -10.23 -20.38 33.84
CA ARG A 413 -9.84 -21.76 34.16
C ARG A 413 -10.18 -22.71 33.03
N SER A 414 -10.07 -22.23 31.79
CA SER A 414 -10.12 -23.10 30.62
C SER A 414 -8.79 -23.80 30.38
N ILE A 415 -7.77 -23.51 31.20
CA ILE A 415 -6.52 -24.25 31.19
C ILE A 415 -5.95 -24.26 32.60
N ASP A 416 -5.10 -25.25 32.87
CA ASP A 416 -4.49 -25.36 34.19
C ASP A 416 -3.53 -24.21 34.44
N ALA A 417 -3.58 -23.65 35.65
CA ALA A 417 -2.68 -22.55 36.00
C ALA A 417 -1.21 -22.97 35.94
N ASN A 418 -0.95 -24.27 35.82
CA ASN A 418 0.41 -24.78 35.75
C ASN A 418 1.15 -24.40 34.46
N LYS A 419 0.44 -24.08 33.39
CA LYS A 419 1.07 -23.93 32.08
C LYS A 419 1.85 -22.62 31.95
N ASP A 420 2.78 -22.61 31.00
CA ASP A 420 3.51 -21.41 30.58
C ASP A 420 3.48 -21.30 29.07
N PHE A 421 3.12 -20.12 28.56
CA PHE A 421 3.02 -19.91 27.12
C PHE A 421 4.30 -19.37 26.47
N ASN A 422 5.24 -18.83 27.22
CA ASN A 422 6.40 -18.21 26.60
C ASN A 422 7.38 -19.22 26.02
N THR A 423 7.14 -20.52 26.14
CA THR A 423 7.97 -21.51 25.48
C THR A 423 7.67 -21.67 23.99
N VAL A 424 6.56 -21.10 23.50
CA VAL A 424 6.22 -21.25 22.09
C VAL A 424 7.33 -20.70 21.20
N ARG A 425 7.68 -21.46 20.17
CA ARG A 425 8.59 -21.02 19.12
C ARG A 425 7.80 -20.65 17.86
N TYR A 426 7.91 -19.40 17.44
CA TYR A 426 7.24 -18.92 16.23
C TYR A 426 8.15 -19.10 15.02
N VAL A 427 7.73 -19.91 14.06
CA VAL A 427 8.57 -20.31 12.93
C VAL A 427 8.05 -19.61 11.67
N TYR A 428 8.94 -18.88 11.01
CA TYR A 428 8.59 -18.09 9.84
C TYR A 428 9.11 -18.75 8.57
N ASN A 429 8.29 -18.75 7.53
CA ASN A 429 8.72 -19.08 6.18
C ASN A 429 8.45 -17.90 5.27
N ARG A 430 9.36 -17.67 4.32
CA ARG A 430 9.11 -16.70 3.27
C ARG A 430 8.15 -17.28 2.23
N ASN A 431 7.54 -16.39 1.46
CA ASN A 431 6.68 -16.80 0.35
C ASN A 431 7.43 -16.92 -0.97
N LEU A 432 8.67 -17.38 -0.97
CA LEU A 432 9.35 -17.66 -2.23
C LEU A 432 8.61 -18.73 -3.02
N PRO A 433 8.75 -18.74 -4.35
CA PRO A 433 8.20 -19.83 -5.16
C PRO A 433 8.87 -21.16 -4.84
N LYS A 434 8.20 -22.24 -5.24
CA LYS A 434 8.62 -23.60 -4.91
C LYS A 434 8.40 -24.51 -6.11
N SER A 435 8.95 -25.73 -6.04
CA SER A 435 8.86 -26.71 -7.11
C SER A 435 8.59 -28.09 -6.49
N LEU A 436 7.32 -28.48 -6.46
CA LEU A 436 6.94 -29.75 -5.84
C LEU A 436 7.59 -30.96 -6.47
N ILE A 437 7.88 -30.93 -7.77
CA ILE A 437 8.49 -32.10 -8.38
C ILE A 437 9.94 -32.26 -7.95
N GLU A 438 10.67 -31.16 -7.85
CA GLU A 438 12.05 -31.26 -7.38
C GLU A 438 12.10 -31.45 -5.87
N GLU A 439 11.09 -31.00 -5.14
CA GLU A 439 11.08 -31.26 -3.71
C GLU A 439 10.74 -32.71 -3.42
N LEU A 440 9.78 -33.30 -4.15
CA LEU A 440 9.59 -34.74 -4.02
C LEU A 440 10.87 -35.50 -4.34
N LYS A 441 11.53 -35.16 -5.45
CA LYS A 441 12.74 -35.87 -5.79
C LYS A 441 13.84 -35.66 -4.74
N ALA A 442 13.84 -34.52 -4.06
CA ALA A 442 14.79 -34.30 -2.97
C ALA A 442 14.41 -35.01 -1.68
N TYR A 443 13.13 -35.25 -1.46
CA TYR A 443 12.66 -35.93 -0.25
C TYR A 443 12.69 -37.44 -0.35
N ILE A 444 12.41 -37.99 -1.52
CA ILE A 444 12.38 -39.43 -1.70
C ILE A 444 13.75 -39.98 -2.06
N ASP A 445 14.55 -39.24 -2.82
CA ASP A 445 15.97 -39.41 -2.66
C ASP A 445 16.30 -39.01 -1.22
N SER A 446 17.37 -39.58 -0.68
CA SER A 446 17.75 -39.34 0.69
C SER A 446 16.75 -39.90 1.69
N GLY A 447 15.93 -40.87 1.28
CA GLY A 447 15.35 -41.82 2.21
C GLY A 447 13.98 -41.49 2.75
N GLY A 448 13.22 -40.62 2.10
CA GLY A 448 11.87 -40.36 2.55
C GLY A 448 10.94 -41.53 2.30
N LYS A 449 9.80 -41.48 2.99
CA LYS A 449 8.66 -42.37 2.75
C LYS A 449 7.40 -41.53 2.55
N ILE A 450 6.51 -42.01 1.68
CA ILE A 450 5.18 -41.41 1.55
C ILE A 450 4.15 -42.52 1.45
N SER A 451 3.02 -42.33 2.14
CA SER A 451 1.87 -43.19 1.97
C SER A 451 1.26 -42.99 0.60
N GLN A 452 0.79 -44.09 0.00
CA GLN A 452 0.32 -44.04 -1.38
C GLN A 452 -0.77 -42.99 -1.59
N THR A 453 -1.78 -42.97 -0.72
CA THR A 453 -2.87 -42.01 -0.88
C THR A 453 -2.39 -40.57 -0.75
N THR A 454 -1.41 -40.32 0.12
CA THR A 454 -0.88 -38.97 0.21
C THR A 454 -0.15 -38.61 -1.07
N LEU A 455 0.73 -39.49 -1.55
CA LEU A 455 1.45 -39.23 -2.79
C LEU A 455 0.49 -38.95 -3.93
N MET A 456 -0.60 -39.72 -4.01
CA MET A 456 -1.60 -39.46 -5.04
C MET A 456 -2.23 -38.08 -4.86
N SER A 457 -2.41 -37.65 -3.62
CA SER A 457 -3.08 -36.36 -3.41
C SER A 457 -2.30 -35.20 -4.00
N LEU A 458 -1.02 -35.40 -4.33
CA LEU A 458 -0.20 -34.32 -4.86
C LEU A 458 -0.38 -34.09 -6.36
N PHE A 459 -0.82 -35.08 -7.11
CA PHE A 459 -0.82 -35.02 -8.57
C PHE A 459 -2.25 -34.97 -9.08
N SER A 460 -2.57 -33.93 -9.83
CA SER A 460 -3.96 -33.64 -10.20
C SER A 460 -4.41 -34.32 -11.47
N PHE A 461 -3.61 -35.20 -12.06
CA PHE A 461 -4.16 -36.06 -13.11
C PHE A 461 -4.96 -37.23 -12.54
N PHE A 462 -4.80 -37.52 -11.25
CA PHE A 462 -5.71 -38.44 -10.57
C PHE A 462 -7.04 -37.75 -10.32
N GLN A 463 -8.08 -38.19 -11.01
CA GLN A 463 -9.39 -37.59 -10.86
C GLN A 463 -10.05 -38.01 -9.54
N ASP A 464 -9.76 -39.20 -9.04
CA ASP A 464 -10.25 -39.67 -7.74
C ASP A 464 -9.10 -40.25 -6.94
N PRO A 465 -8.45 -39.45 -6.09
CA PRO A 465 -7.24 -39.92 -5.42
C PRO A 465 -7.44 -41.12 -4.51
N GLU A 466 -8.67 -41.45 -4.12
CA GLU A 466 -8.90 -42.63 -3.30
C GLU A 466 -9.41 -43.83 -4.08
N LEU A 467 -10.37 -43.62 -4.99
CA LEU A 467 -10.90 -44.73 -5.77
C LEU A 467 -9.79 -45.48 -6.48
N GLU A 468 -8.77 -44.75 -6.92
CA GLU A 468 -7.64 -45.37 -7.59
C GLU A 468 -7.04 -46.50 -6.77
N VAL A 469 -7.07 -46.40 -5.45
CA VAL A 469 -6.52 -47.49 -4.63
C VAL A 469 -7.34 -48.75 -4.77
N LYS A 470 -8.67 -48.62 -4.78
CA LYS A 470 -9.51 -49.79 -5.05
C LYS A 470 -9.20 -50.36 -6.43
N LYS A 471 -9.08 -49.50 -7.43
CA LYS A 471 -8.83 -49.99 -8.78
C LYS A 471 -7.46 -50.65 -8.89
N ILE A 472 -6.51 -50.23 -8.04
CA ILE A 472 -5.22 -50.89 -7.99
C ILE A 472 -5.33 -52.21 -7.29
N GLU A 473 -6.18 -52.31 -6.27
CA GLU A 473 -6.42 -53.61 -5.67
C GLU A 473 -6.98 -54.59 -6.69
N GLU A 474 -7.88 -54.13 -7.55
CA GLU A 474 -8.43 -55.00 -8.59
C GLU A 474 -7.33 -55.49 -9.54
N ASP A 475 -6.51 -54.56 -10.02
CA ASP A 475 -5.39 -54.95 -10.87
C ASP A 475 -4.47 -55.94 -10.17
N GLU A 476 -4.03 -55.59 -8.96
CA GLU A 476 -3.10 -56.42 -8.20
C GLU A 476 -3.71 -57.77 -7.83
N LYS A 477 -5.04 -57.88 -7.85
CA LYS A 477 -5.69 -59.16 -7.59
C LYS A 477 -5.70 -60.03 -8.83
N GLU A 478 -6.13 -59.48 -9.96
CA GLU A 478 -6.10 -60.27 -11.18
C GLU A 478 -4.69 -60.57 -11.64
N SER A 479 -3.70 -59.87 -11.09
CA SER A 479 -2.30 -60.27 -11.27
C SER A 479 -1.96 -61.55 -10.52
N ILE A 480 -2.78 -61.97 -9.56
CA ILE A 480 -2.47 -63.18 -8.80
C ILE A 480 -2.82 -64.45 -9.54
N LYS A 481 -3.71 -64.38 -10.51
CA LYS A 481 -4.31 -65.57 -11.11
C LYS A 481 -3.63 -65.92 -12.43
N ARG B 99 0.05 49.11 -69.77
CA ARG B 99 0.91 49.04 -68.55
C ARG B 99 0.37 47.92 -67.65
N THR B 100 1.19 46.91 -67.37
CA THR B 100 0.79 45.82 -66.50
C THR B 100 0.67 46.28 -65.05
N ARG B 101 -0.13 45.55 -64.28
CA ARG B 101 -0.33 45.85 -62.87
C ARG B 101 -0.12 44.60 -62.03
N THR B 102 0.21 44.81 -60.75
CA THR B 102 0.48 43.72 -59.83
C THR B 102 -0.61 42.66 -59.86
N LYS B 103 -0.23 41.44 -60.21
CA LYS B 103 -1.13 40.29 -60.29
C LYS B 103 -0.87 39.37 -59.10
N LYS B 104 -1.85 39.20 -58.24
CA LYS B 104 -1.67 38.39 -57.04
C LYS B 104 -1.60 36.91 -57.36
N GLY B 105 -0.72 36.20 -56.65
CA GLY B 105 -0.48 34.79 -56.86
C GLY B 105 -1.62 33.88 -56.42
N ARG B 106 -1.50 32.60 -56.80
CA ARG B 106 -2.49 31.58 -56.49
C ARG B 106 -1.84 30.32 -55.98
N ALA B 107 -2.46 29.70 -54.98
CA ALA B 107 -2.10 28.38 -54.50
C ALA B 107 -3.24 27.43 -54.85
N VAL B 108 -2.96 26.39 -55.60
CA VAL B 108 -3.98 25.45 -56.04
C VAL B 108 -3.51 24.03 -55.79
N PHE B 109 -4.45 23.16 -55.40
CA PHE B 109 -4.16 21.77 -55.10
C PHE B 109 -4.57 20.81 -56.21
N PHE B 110 -5.22 21.28 -57.27
CA PHE B 110 -5.68 20.39 -58.32
C PHE B 110 -6.43 19.19 -57.75
#